data_8HUN
#
_entry.id   8HUN
#
_cell.length_a   44.567
_cell.length_b   61.512
_cell.length_c   53.177
_cell.angle_alpha   90.000
_cell.angle_beta   106.290
_cell.angle_gamma   90.000
#
_symmetry.space_group_name_H-M   'P 1 21 1'
#
loop_
_entity.id
_entity.type
_entity.pdbx_description
1 polymer 'Peroxisome proliferator-activated receptor alpha'
2 non-polymer GLYCEROL
3 non-polymer Seladelpar
4 water water
#
_entity_poly.entity_id   1
_entity_poly.type   'polypeptide(L)'
_entity_poly.pdbx_seq_one_letter_code
;GSHMTADLKSLAKRIYEAYLKNFNMNKVKARVILSGKASNNPPFVIHDMETLCMAEKTLVAKLVANGIQNKEAEVRIFHC
CQCTSVETVTELTEFAKAIPGFANLDLNDQVTLLKYGVYEAIFAMLSSVMNKDGMLVAYGNGFITREFLKSLRKPFCDIM
EPKFDFAMKFNALELDDSDISLFVAAIICCGDRPGLLNVGHIEKMQEGIVHVLRLHLQSNHPDDIFLFPKLLQKMADLRQ
LVTEHAQLVQIIKKTESDAALHPLLQEIYRDMY
;
_entity_poly.pdbx_strand_id   A
#
loop_
_chem_comp.id
_chem_comp.type
_chem_comp.name
_chem_comp.formula
GOL non-polymer GLYCEROL 'C3 H8 O3'
KKB non-polymer Seladelpar 'C21 H23 F3 O5 S'
#
# COMPACT_ATOMS: atom_id res chain seq x y z
N THR A 5 0.67 0.44 -29.14
CA THR A 5 -0.69 0.21 -29.59
C THR A 5 -1.66 1.19 -28.94
N ALA A 6 -2.63 1.67 -29.72
CA ALA A 6 -3.64 2.57 -29.16
C ALA A 6 -4.49 1.86 -28.12
N ASP A 7 -4.87 0.62 -28.39
CA ASP A 7 -5.69 -0.14 -27.44
C ASP A 7 -4.97 -0.29 -26.10
N LEU A 8 -3.71 -0.73 -26.14
CA LEU A 8 -2.95 -0.88 -24.90
C LEU A 8 -2.53 0.47 -24.33
N LYS A 9 -2.17 1.42 -25.20
CA LYS A 9 -1.81 2.74 -24.73
C LYS A 9 -2.96 3.38 -23.96
N SER A 10 -4.20 3.16 -24.42
CA SER A 10 -5.36 3.72 -23.73
C SER A 10 -5.71 2.92 -22.48
N LEU A 11 -5.44 1.62 -22.47
CA LEU A 11 -5.66 0.84 -21.26
C LEU A 11 -4.75 1.33 -20.14
N ALA A 12 -3.46 1.56 -20.44
CA ALA A 12 -2.56 2.16 -19.46
C ALA A 12 -3.11 3.47 -18.93
N LYS A 13 -3.65 4.30 -19.82
CA LYS A 13 -4.20 5.59 -19.41
C LYS A 13 -5.42 5.40 -18.52
N ARG A 14 -6.34 4.51 -18.92
N ARG A 14 -6.34 4.50 -18.90
CA ARG A 14 -7.51 4.21 -18.10
CA ARG A 14 -7.50 4.23 -18.06
C ARG A 14 -7.10 3.84 -16.67
C ARG A 14 -7.09 3.85 -16.65
N ILE A 15 -6.14 2.92 -16.54
N ILE A 15 -6.14 2.91 -16.53
CA ILE A 15 -5.69 2.50 -15.21
CA ILE A 15 -5.67 2.48 -15.21
C ILE A 15 -5.12 3.69 -14.45
C ILE A 15 -5.10 3.68 -14.44
N TYR A 16 -4.28 4.49 -15.11
CA TYR A 16 -3.67 5.64 -14.46
C TYR A 16 -4.71 6.63 -13.96
N GLU A 17 -5.77 6.86 -14.75
CA GLU A 17 -6.80 7.81 -14.34
C GLU A 17 -7.62 7.28 -13.18
N ALA A 18 -7.90 5.96 -13.16
CA ALA A 18 -8.59 5.36 -12.02
C ALA A 18 -7.73 5.42 -10.77
N TYR A 19 -6.40 5.32 -10.92
N TYR A 19 -6.40 5.31 -10.92
CA TYR A 19 -5.48 5.45 -9.80
CA TYR A 19 -5.50 5.46 -9.79
C TYR A 19 -5.50 6.87 -9.23
C TYR A 19 -5.57 6.87 -9.23
N LEU A 20 -5.49 7.87 -10.11
CA LEU A 20 -5.54 9.26 -9.65
C LEU A 20 -6.89 9.60 -9.01
N LYS A 21 -7.97 9.00 -9.51
N LYS A 21 -7.96 8.96 -9.50
CA LYS A 21 -9.29 9.33 -8.98
CA LYS A 21 -9.31 9.27 -9.08
C LYS A 21 -9.54 8.67 -7.63
C LYS A 21 -9.73 8.54 -7.79
N ASN A 22 -9.09 7.44 -7.45
CA ASN A 22 -9.52 6.63 -6.32
C ASN A 22 -8.60 6.64 -5.10
N PHE A 23 -7.35 7.06 -5.24
CA PHE A 23 -6.43 7.11 -4.10
C PHE A 23 -6.22 8.56 -3.70
N ASN A 24 -6.40 8.85 -2.40
CA ASN A 24 -6.27 10.22 -1.92
C ASN A 24 -4.83 10.72 -2.06
N MET A 25 -3.87 9.82 -2.01
CA MET A 25 -2.46 10.17 -2.10
C MET A 25 -1.87 9.61 -3.38
N ASN A 26 -1.07 10.42 -4.07
CA ASN A 26 -0.28 9.97 -5.21
C ASN A 26 1.12 10.55 -5.06
N LYS A 27 2.03 10.07 -5.89
CA LYS A 27 3.44 10.42 -5.71
C LYS A 27 3.69 11.89 -5.94
N VAL A 28 3.04 12.49 -6.95
CA VAL A 28 3.22 13.92 -7.20
C VAL A 28 2.74 14.73 -5.98
N LYS A 29 1.55 14.40 -5.47
CA LYS A 29 1.04 15.11 -4.32
C LYS A 29 1.97 14.95 -3.12
N ALA A 30 2.53 13.74 -2.95
CA ALA A 30 3.41 13.47 -1.82
C ALA A 30 4.71 14.26 -1.93
N ARG A 31 5.27 14.36 -3.14
CA ARG A 31 6.53 15.09 -3.30
C ARG A 31 6.35 16.59 -3.16
N VAL A 32 5.18 17.11 -3.53
CA VAL A 32 4.90 18.52 -3.29
C VAL A 32 4.92 18.82 -1.79
N ILE A 33 4.25 17.98 -0.99
CA ILE A 33 4.24 18.18 0.45
C ILE A 33 5.64 18.01 1.02
N LEU A 34 6.33 16.94 0.62
CA LEU A 34 7.64 16.63 1.18
C LEU A 34 8.71 17.61 0.74
N SER A 35 8.47 18.40 -0.30
CA SER A 35 9.44 19.40 -0.73
C SER A 35 9.43 20.60 0.19
N GLY A 36 8.25 21.17 0.44
CA GLY A 36 8.12 22.35 1.29
C GLY A 36 7.43 23.49 0.58
N PRO A 42 1.08 22.72 5.64
CA PRO A 42 2.39 22.29 6.13
C PRO A 42 2.29 21.11 7.11
N PRO A 43 3.05 20.05 6.86
CA PRO A 43 2.93 18.84 7.68
C PRO A 43 3.54 19.02 9.06
N PHE A 44 2.77 18.71 10.09
CA PHE A 44 3.28 18.72 11.45
C PHE A 44 4.23 17.55 11.66
N VAL A 45 5.43 17.84 12.16
CA VAL A 45 6.46 16.82 12.33
C VAL A 45 6.28 16.12 13.67
N ILE A 46 6.14 14.80 13.62
CA ILE A 46 6.07 13.95 14.80
C ILE A 46 7.44 13.28 14.97
N HIS A 47 8.22 13.75 15.94
CA HIS A 47 9.56 13.22 16.15
C HIS A 47 9.83 12.73 17.57
N ASP A 48 8.92 12.95 18.51
CA ASP A 48 9.09 12.45 19.87
C ASP A 48 7.69 12.30 20.48
N MET A 49 7.64 11.96 21.76
N MET A 49 7.64 11.96 21.76
CA MET A 49 6.35 11.76 22.42
CA MET A 49 6.35 11.76 22.42
C MET A 49 5.56 13.06 22.49
C MET A 49 5.56 13.06 22.49
N GLU A 50 6.24 14.19 22.76
CA GLU A 50 5.53 15.47 22.86
C GLU A 50 4.84 15.81 21.56
N THR A 51 5.56 15.71 20.43
CA THR A 51 4.96 16.05 19.14
C THR A 51 3.91 15.04 18.70
N LEU A 52 4.05 13.77 19.09
CA LEU A 52 2.99 12.80 18.84
C LEU A 52 1.69 13.22 19.52
N CYS A 53 1.77 13.54 20.82
CA CYS A 53 0.57 13.90 21.57
C CYS A 53 -0.04 15.20 21.03
N MET A 54 0.80 16.17 20.67
CA MET A 54 0.30 17.37 20.01
C MET A 54 -0.44 17.03 18.72
N ALA A 55 0.17 16.18 17.89
CA ALA A 55 -0.45 15.84 16.61
C ALA A 55 -1.77 15.11 16.81
N GLU A 56 -1.85 14.24 17.82
CA GLU A 56 -3.10 13.53 18.08
C GLU A 56 -4.22 14.50 18.46
N LYS A 57 -3.92 15.50 19.28
N LYS A 57 -3.92 15.50 19.28
CA LYS A 57 -4.95 16.45 19.68
CA LYS A 57 -4.94 16.46 19.68
C LYS A 57 -5.47 17.25 18.48
C LYS A 57 -5.46 17.25 18.48
N THR A 58 -4.62 17.48 17.48
CA THR A 58 -5.01 18.28 16.33
C THR A 58 -5.62 17.46 15.19
N LEU A 59 -5.07 16.28 14.91
CA LEU A 59 -5.44 15.53 13.71
C LEU A 59 -6.38 14.36 13.97
N VAL A 60 -6.36 13.78 15.17
CA VAL A 60 -7.28 12.69 15.51
C VAL A 60 -7.85 12.99 16.89
N ALA A 61 -8.41 14.18 17.05
CA ALA A 61 -8.84 14.66 18.36
C ALA A 61 -9.73 13.63 19.06
N LYS A 62 -10.70 13.07 18.34
CA LYS A 62 -11.62 12.12 18.94
C LYS A 62 -10.90 10.96 19.61
N LEU A 63 -9.73 10.58 19.09
CA LEU A 63 -9.03 9.41 19.60
C LEU A 63 -8.56 9.62 21.03
N VAL A 64 -8.12 10.83 21.37
CA VAL A 64 -7.52 11.11 22.67
C VAL A 64 -8.37 12.09 23.49
N ALA A 65 -9.66 12.18 23.19
CA ALA A 65 -10.56 13.09 23.91
C ALA A 65 -10.37 13.02 25.43
N ASN A 70 -6.43 6.50 28.97
CA ASN A 70 -5.87 6.31 27.63
C ASN A 70 -4.85 5.19 27.59
N LYS A 71 -4.62 4.65 26.40
CA LYS A 71 -3.70 3.55 26.20
C LYS A 71 -2.30 4.05 25.83
N GLU A 72 -1.34 3.15 25.82
CA GLU A 72 0.03 3.49 25.47
C GLU A 72 0.10 4.15 24.10
N ALA A 73 1.07 5.06 23.95
CA ALA A 73 1.27 5.71 22.66
C ALA A 73 1.39 4.69 21.54
N GLU A 74 2.12 3.60 21.79
CA GLU A 74 2.34 2.59 20.76
C GLU A 74 1.03 1.98 20.30
N VAL A 75 0.09 1.75 21.23
CA VAL A 75 -1.22 1.21 20.87
C VAL A 75 -2.03 2.23 20.09
N ARG A 76 -1.99 3.50 20.51
CA ARG A 76 -2.70 4.55 19.76
C ARG A 76 -2.18 4.66 18.34
N ILE A 77 -0.85 4.64 18.19
CA ILE A 77 -0.26 4.66 16.85
C ILE A 77 -0.77 3.49 16.03
N PHE A 78 -0.77 2.29 16.62
CA PHE A 78 -1.20 1.10 15.89
C PHE A 78 -2.64 1.23 15.42
N HIS A 79 -3.52 1.78 16.27
CA HIS A 79 -4.91 2.00 15.85
C HIS A 79 -4.99 2.97 14.69
N CYS A 80 -4.17 4.03 14.72
CA CYS A 80 -4.12 4.95 13.59
C CYS A 80 -3.63 4.23 12.33
N CYS A 81 -2.64 3.35 12.48
CA CYS A 81 -2.19 2.55 11.35
C CYS A 81 -3.36 1.78 10.73
N GLN A 82 -4.15 1.11 11.58
CA GLN A 82 -5.25 0.30 11.07
C GLN A 82 -6.26 1.15 10.33
N CYS A 83 -6.58 2.33 10.85
CA CYS A 83 -7.54 3.19 10.17
C CYS A 83 -7.08 3.50 8.76
N THR A 84 -5.78 3.71 8.58
CA THR A 84 -5.25 3.96 7.23
C THR A 84 -5.43 2.73 6.34
N SER A 85 -5.20 1.53 6.88
CA SER A 85 -5.40 0.32 6.10
C SER A 85 -6.86 0.19 5.65
N VAL A 86 -7.79 0.32 6.59
CA VAL A 86 -9.21 0.21 6.27
C VAL A 86 -9.57 1.18 5.15
N GLU A 87 -9.06 2.41 5.23
CA GLU A 87 -9.36 3.40 4.20
C GLU A 87 -8.79 2.97 2.86
N THR A 88 -7.55 2.47 2.84
CA THR A 88 -6.93 2.08 1.58
C THR A 88 -7.62 0.87 0.97
N VAL A 89 -8.16 -0.01 1.81
CA VAL A 89 -8.94 -1.14 1.30
C VAL A 89 -10.11 -0.63 0.47
N THR A 90 -10.84 0.35 1.00
CA THR A 90 -11.94 0.94 0.25
C THR A 90 -11.44 1.55 -1.05
N GLU A 91 -10.34 2.29 -1.00
CA GLU A 91 -9.81 2.89 -2.22
C GLU A 91 -9.41 1.83 -3.23
N LEU A 92 -8.77 0.75 -2.77
CA LEU A 92 -8.34 -0.31 -3.67
C LEU A 92 -9.52 -1.05 -4.29
N THR A 93 -10.61 -1.18 -3.54
CA THR A 93 -11.78 -1.91 -4.05
C THR A 93 -12.42 -1.16 -5.21
N GLU A 94 -12.52 0.17 -5.12
N GLU A 94 -12.52 0.18 -5.12
CA GLU A 94 -13.06 0.96 -6.22
CA GLU A 94 -13.07 0.95 -6.23
C GLU A 94 -12.07 1.02 -7.39
C GLU A 94 -12.07 1.01 -7.39
N PHE A 95 -10.77 1.10 -7.09
CA PHE A 95 -9.77 1.10 -8.14
C PHE A 95 -9.84 -0.18 -8.97
N ALA A 96 -10.05 -1.32 -8.30
CA ALA A 96 -10.05 -2.60 -9.01
C ALA A 96 -11.03 -2.64 -10.17
N LYS A 97 -12.07 -1.81 -10.16
CA LYS A 97 -13.08 -1.87 -11.22
C LYS A 97 -12.53 -1.45 -12.57
N ALA A 98 -11.51 -0.58 -12.59
CA ALA A 98 -10.96 -0.12 -13.87
C ALA A 98 -10.13 -1.19 -14.57
N ILE A 99 -9.83 -2.29 -13.90
CA ILE A 99 -8.99 -3.34 -14.47
C ILE A 99 -9.83 -4.18 -15.43
N PRO A 100 -9.49 -4.23 -16.72
CA PRO A 100 -10.33 -4.97 -17.68
C PRO A 100 -10.58 -6.40 -17.22
N GLY A 101 -11.84 -6.72 -16.98
CA GLY A 101 -12.22 -8.07 -16.62
C GLY A 101 -12.42 -8.30 -15.13
N PHE A 102 -11.93 -7.40 -14.28
CA PHE A 102 -12.09 -7.60 -12.83
C PHE A 102 -13.56 -7.60 -12.44
N ALA A 103 -14.31 -6.58 -12.89
CA ALA A 103 -15.73 -6.53 -12.60
C ALA A 103 -16.50 -7.66 -13.27
N ASN A 104 -15.88 -8.38 -14.20
CA ASN A 104 -16.51 -9.52 -14.84
C ASN A 104 -16.21 -10.84 -14.15
N LEU A 105 -15.27 -10.85 -13.20
CA LEU A 105 -14.98 -12.07 -12.46
C LEU A 105 -16.13 -12.42 -11.52
N ASP A 106 -16.14 -13.67 -11.07
CA ASP A 106 -17.10 -14.06 -10.04
C ASP A 106 -16.89 -13.21 -8.79
N LEU A 107 -18.00 -12.85 -8.15
CA LEU A 107 -17.92 -11.97 -6.98
C LEU A 107 -17.01 -12.55 -5.90
N ASN A 108 -16.95 -13.88 -5.78
CA ASN A 108 -16.08 -14.48 -4.77
C ASN A 108 -14.61 -14.34 -5.15
N ASP A 109 -14.29 -14.44 -6.44
CA ASP A 109 -12.91 -14.27 -6.88
C ASP A 109 -12.44 -12.83 -6.69
N GLN A 110 -13.33 -11.87 -6.92
CA GLN A 110 -12.98 -10.48 -6.64
C GLN A 110 -12.56 -10.31 -5.19
N VAL A 111 -13.32 -10.90 -4.26
CA VAL A 111 -13.02 -10.80 -2.84
C VAL A 111 -11.67 -11.43 -2.54
N THR A 112 -11.40 -12.59 -3.13
CA THR A 112 -10.13 -13.28 -2.89
C THR A 112 -8.95 -12.47 -3.43
N LEU A 113 -9.09 -11.91 -4.63
CA LEU A 113 -8.00 -11.13 -5.20
C LEU A 113 -7.69 -9.91 -4.34
N LEU A 114 -8.73 -9.22 -3.85
CA LEU A 114 -8.51 -8.06 -3.00
C LEU A 114 -7.98 -8.48 -1.63
N LYS A 115 -8.48 -9.60 -1.11
CA LYS A 115 -8.03 -10.11 0.19
C LYS A 115 -6.51 -10.26 0.22
N TYR A 116 -5.95 -10.95 -0.76
CA TYR A 116 -4.52 -11.20 -0.78
C TYR A 116 -3.70 -10.07 -1.38
N GLY A 117 -4.33 -9.16 -2.12
CA GLY A 117 -3.57 -8.12 -2.78
C GLY A 117 -3.43 -6.84 -2.00
N VAL A 118 -4.37 -6.56 -1.10
CA VAL A 118 -4.49 -5.21 -0.54
C VAL A 118 -3.20 -4.80 0.17
N TYR A 119 -2.67 -5.66 1.04
CA TYR A 119 -1.48 -5.24 1.79
C TYR A 119 -0.25 -5.16 0.92
N GLU A 120 -0.13 -6.02 -0.09
CA GLU A 120 0.95 -5.84 -1.06
C GLU A 120 0.83 -4.47 -1.73
N ALA A 121 -0.39 -4.12 -2.16
CA ALA A 121 -0.60 -2.82 -2.77
C ALA A 121 -0.34 -1.69 -1.77
N ILE A 122 -0.78 -1.86 -0.52
CA ILE A 122 -0.60 -0.82 0.49
C ILE A 122 0.87 -0.47 0.67
N PHE A 123 1.72 -1.48 0.83
CA PHE A 123 3.13 -1.21 1.08
C PHE A 123 3.84 -0.75 -0.17
N ALA A 124 3.40 -1.19 -1.36
CA ALA A 124 3.95 -0.64 -2.60
C ALA A 124 3.67 0.85 -2.69
N MET A 125 2.43 1.27 -2.43
CA MET A 125 2.08 2.68 -2.53
C MET A 125 2.62 3.48 -1.34
N LEU A 126 2.78 2.84 -0.18
CA LEU A 126 3.33 3.55 0.97
C LEU A 126 4.69 4.14 0.65
N SER A 127 5.45 3.50 -0.24
CA SER A 127 6.77 4.01 -0.59
C SER A 127 6.70 5.45 -1.11
N SER A 128 5.60 5.81 -1.78
CA SER A 128 5.48 7.14 -2.38
C SER A 128 5.50 8.25 -1.34
N VAL A 129 5.08 7.98 -0.10
CA VAL A 129 5.06 9.00 0.95
C VAL A 129 6.19 8.81 1.95
N MET A 130 7.17 7.97 1.62
CA MET A 130 8.30 7.69 2.48
C MET A 130 9.57 8.26 1.88
N ASN A 131 10.43 8.84 2.73
CA ASN A 131 11.82 9.09 2.41
C ASN A 131 12.68 8.52 3.53
N LYS A 132 14.00 8.72 3.43
CA LYS A 132 14.88 8.05 4.37
C LYS A 132 14.70 8.54 5.81
N ASP A 133 14.05 9.69 6.01
CA ASP A 133 13.89 10.26 7.34
C ASP A 133 12.52 10.02 7.97
N GLY A 134 11.50 9.71 7.16
CA GLY A 134 10.18 9.51 7.72
C GLY A 134 9.14 9.33 6.62
N MET A 135 7.88 9.57 7.00
CA MET A 135 6.78 9.34 6.08
C MET A 135 5.62 10.27 6.40
N LEU A 136 4.86 10.62 5.36
CA LEU A 136 3.62 11.37 5.53
C LEU A 136 2.56 10.48 6.15
N VAL A 137 1.76 11.07 7.04
CA VAL A 137 0.61 10.40 7.65
C VAL A 137 -0.55 11.38 7.68
N ALA A 138 -1.73 10.86 8.01
CA ALA A 138 -2.93 11.66 8.24
C ALA A 138 -3.23 12.57 7.05
N TYR A 139 -3.40 11.94 5.89
CA TYR A 139 -3.80 12.63 4.66
C TYR A 139 -2.86 13.78 4.33
N GLY A 140 -1.56 13.54 4.53
CA GLY A 140 -0.52 14.49 4.19
C GLY A 140 -0.27 15.58 5.21
N ASN A 141 -0.94 15.54 6.36
CA ASN A 141 -0.86 16.62 7.34
C ASN A 141 0.11 16.34 8.47
N GLY A 142 0.68 15.14 8.53
CA GLY A 142 1.71 14.84 9.49
C GLY A 142 2.90 14.18 8.81
N PHE A 143 4.05 14.34 9.44
CA PHE A 143 5.28 13.65 9.03
C PHE A 143 5.88 13.03 10.29
N ILE A 144 5.84 11.72 10.38
CA ILE A 144 6.39 10.98 11.52
C ILE A 144 7.76 10.46 11.13
N THR A 145 8.75 10.65 12.01
CA THR A 145 10.12 10.31 11.66
C THR A 145 10.37 8.82 11.81
N ARG A 146 11.24 8.31 10.94
CA ARG A 146 11.65 6.92 11.00
C ARG A 146 12.29 6.58 12.35
N GLU A 147 13.08 7.51 12.88
CA GLU A 147 13.76 7.25 14.15
C GLU A 147 12.76 7.16 15.30
N PHE A 148 11.76 8.04 15.31
CA PHE A 148 10.74 7.95 16.36
C PHE A 148 10.06 6.59 16.36
N LEU A 149 9.74 6.08 15.16
CA LEU A 149 9.11 4.76 15.06
C LEU A 149 10.03 3.67 15.58
N LYS A 150 11.32 3.77 15.27
CA LYS A 150 12.29 2.83 15.83
C LYS A 150 12.39 2.95 17.35
N SER A 151 12.04 4.11 17.91
CA SER A 151 12.17 4.35 19.34
C SER A 151 11.03 3.74 20.15
N LEU A 152 9.97 3.26 19.51
CA LEU A 152 8.85 2.68 20.22
C LEU A 152 9.27 1.37 20.89
N ARG A 153 8.57 1.01 21.97
CA ARG A 153 8.86 -0.25 22.62
C ARG A 153 8.48 -1.42 21.72
N LYS A 154 9.23 -2.52 21.86
CA LYS A 154 8.90 -3.71 21.10
C LYS A 154 7.50 -4.18 21.48
N PRO A 155 6.79 -4.85 20.56
CA PRO A 155 7.24 -5.13 19.20
C PRO A 155 6.87 -4.04 18.18
N PHE A 156 6.33 -2.93 18.67
CA PHE A 156 5.79 -1.91 17.78
C PHE A 156 6.88 -1.20 16.99
N CYS A 157 8.10 -1.11 17.55
CA CYS A 157 9.22 -0.52 16.82
C CYS A 157 9.69 -1.39 15.66
N ASP A 158 9.19 -2.62 15.54
CA ASP A 158 9.60 -3.54 14.49
C ASP A 158 8.65 -3.56 13.31
N ILE A 159 7.60 -2.74 13.34
CA ILE A 159 6.57 -2.82 12.31
C ILE A 159 7.03 -2.12 11.03
N MET A 160 7.55 -0.91 11.16
CA MET A 160 7.72 -0.03 10.01
C MET A 160 9.10 -0.10 9.36
N GLU A 161 10.14 -0.41 10.12
CA GLU A 161 11.48 -0.43 9.54
C GLU A 161 11.59 -1.33 8.33
N PRO A 162 11.01 -2.53 8.30
CA PRO A 162 11.08 -3.32 7.06
C PRO A 162 10.38 -2.65 5.90
N LYS A 163 9.35 -1.84 6.16
CA LYS A 163 8.68 -1.11 5.09
C LYS A 163 9.56 0.01 4.55
N PHE A 164 10.28 0.70 5.44
CA PHE A 164 11.25 1.70 4.98
C PHE A 164 12.33 1.06 4.12
N ASP A 165 12.85 -0.09 4.55
CA ASP A 165 13.88 -0.78 3.78
C ASP A 165 13.39 -1.07 2.36
N PHE A 166 12.18 -1.62 2.25
CA PHE A 166 11.61 -1.87 0.93
C PHE A 166 11.44 -0.56 0.16
N ALA A 167 10.94 0.48 0.82
CA ALA A 167 10.60 1.71 0.12
C ALA A 167 11.83 2.41 -0.44
N MET A 168 12.95 2.40 0.29
CA MET A 168 14.14 3.09 -0.18
C MET A 168 14.64 2.48 -1.48
N LYS A 169 14.65 1.15 -1.57
CA LYS A 169 15.03 0.50 -2.81
C LYS A 169 13.96 0.66 -3.88
N PHE A 170 12.69 0.58 -3.49
CA PHE A 170 11.63 0.75 -4.49
C PHE A 170 11.66 2.15 -5.08
N ASN A 171 11.86 3.17 -4.24
CA ASN A 171 11.89 4.54 -4.72
C ASN A 171 13.13 4.82 -5.58
N ALA A 172 14.21 4.07 -5.36
CA ALA A 172 15.38 4.21 -6.22
C ALA A 172 15.06 3.89 -7.67
N LEU A 173 14.00 3.11 -7.92
CA LEU A 173 13.59 2.81 -9.30
C LEU A 173 13.02 4.03 -10.00
N GLU A 174 12.64 5.07 -9.26
CA GLU A 174 12.13 6.31 -9.84
C GLU A 174 10.91 6.07 -10.73
N LEU A 175 9.97 5.27 -10.23
CA LEU A 175 8.68 5.13 -10.90
C LEU A 175 7.84 6.39 -10.69
N ASP A 176 6.93 6.64 -11.62
CA ASP A 176 5.91 7.66 -11.44
C ASP A 176 4.54 7.00 -11.33
N ASP A 177 3.53 7.84 -11.10
CA ASP A 177 2.18 7.32 -10.89
C ASP A 177 1.69 6.51 -12.08
N SER A 178 2.11 6.86 -13.31
CA SER A 178 1.70 6.05 -14.46
C SER A 178 2.26 4.63 -14.36
N ASP A 179 3.48 4.47 -13.83
CA ASP A 179 4.00 3.13 -13.60
C ASP A 179 3.30 2.46 -12.42
N ILE A 180 3.16 3.20 -11.31
CA ILE A 180 2.67 2.59 -10.08
C ILE A 180 1.22 2.12 -10.24
N SER A 181 0.41 2.87 -10.98
CA SER A 181 -0.97 2.44 -11.19
C SER A 181 -1.02 1.06 -11.85
N LEU A 182 -0.17 0.82 -12.84
CA LEU A 182 -0.14 -0.49 -13.49
C LEU A 182 0.44 -1.56 -12.56
N PHE A 183 1.47 -1.19 -11.79
CA PHE A 183 2.07 -2.13 -10.84
C PHE A 183 1.02 -2.60 -9.83
N VAL A 184 0.25 -1.66 -9.26
CA VAL A 184 -0.78 -2.04 -8.30
C VAL A 184 -1.85 -2.90 -8.97
N ALA A 185 -2.23 -2.56 -10.21
CA ALA A 185 -3.16 -3.40 -10.95
C ALA A 185 -2.62 -4.81 -11.10
N ALA A 186 -1.34 -4.94 -11.46
CA ALA A 186 -0.75 -6.26 -11.64
C ALA A 186 -0.75 -7.04 -10.32
N ILE A 187 -0.46 -6.36 -9.20
CA ILE A 187 -0.52 -7.01 -7.89
C ILE A 187 -1.90 -7.63 -7.67
N ILE A 188 -2.96 -6.90 -8.00
CA ILE A 188 -4.30 -7.40 -7.75
C ILE A 188 -4.64 -8.60 -8.63
N CYS A 189 -4.07 -8.65 -9.84
CA CYS A 189 -4.39 -9.69 -10.81
C CYS A 189 -3.45 -10.90 -10.73
N CYS A 190 -3.25 -11.45 -9.53
CA CYS A 190 -2.42 -12.64 -9.39
C CYS A 190 -3.29 -13.88 -9.45
N GLY A 191 -3.05 -14.72 -10.46
CA GLY A 191 -3.80 -15.95 -10.62
C GLY A 191 -3.43 -17.06 -9.67
N ASP A 192 -2.35 -16.90 -8.89
CA ASP A 192 -1.93 -17.92 -7.93
C ASP A 192 -2.33 -17.57 -6.50
N ARG A 193 -3.44 -16.83 -6.32
CA ARG A 193 -3.97 -16.62 -4.98
C ARG A 193 -4.75 -17.86 -4.55
N PRO A 194 -4.66 -18.24 -3.27
CA PRO A 194 -5.36 -19.44 -2.81
C PRO A 194 -6.87 -19.27 -2.88
N GLY A 195 -7.55 -20.34 -3.28
CA GLY A 195 -9.00 -20.37 -3.28
C GLY A 195 -9.67 -19.76 -4.48
N LEU A 196 -8.92 -19.39 -5.51
CA LEU A 196 -9.53 -18.81 -6.71
C LEU A 196 -10.36 -19.87 -7.43
N LEU A 197 -11.58 -19.50 -7.80
CA LEU A 197 -12.47 -20.42 -8.51
C LEU A 197 -12.07 -20.53 -9.97
N ASN A 198 -11.99 -19.40 -10.67
CA ASN A 198 -11.73 -19.38 -12.09
C ASN A 198 -10.30 -18.87 -12.35
N VAL A 199 -9.33 -19.70 -11.98
CA VAL A 199 -7.92 -19.34 -12.15
C VAL A 199 -7.63 -18.98 -13.60
N GLY A 200 -8.21 -19.71 -14.54
CA GLY A 200 -7.86 -19.52 -15.94
C GLY A 200 -8.19 -18.13 -16.45
N HIS A 201 -9.37 -17.62 -16.10
CA HIS A 201 -9.75 -16.27 -16.51
C HIS A 201 -8.87 -15.23 -15.82
N ILE A 202 -8.56 -15.45 -14.55
CA ILE A 202 -7.72 -14.51 -13.81
C ILE A 202 -6.32 -14.47 -14.43
N GLU A 203 -5.76 -15.64 -14.76
CA GLU A 203 -4.46 -15.67 -15.43
C GLU A 203 -4.48 -14.86 -16.72
N LYS A 204 -5.57 -14.97 -17.49
CA LYS A 204 -5.66 -14.20 -18.73
C LYS A 204 -5.79 -12.70 -18.42
N MET A 205 -6.55 -12.36 -17.38
CA MET A 205 -6.60 -10.96 -16.95
C MET A 205 -5.22 -10.47 -16.53
N GLN A 206 -4.53 -11.25 -15.70
CA GLN A 206 -3.17 -10.92 -15.28
C GLN A 206 -2.26 -10.71 -16.49
N GLU A 207 -2.18 -11.71 -17.36
CA GLU A 207 -1.36 -11.60 -18.55
C GLU A 207 -1.63 -10.31 -19.31
N GLY A 208 -2.89 -9.85 -19.31
CA GLY A 208 -3.21 -8.62 -20.02
C GLY A 208 -2.67 -7.38 -19.34
N ILE A 209 -2.82 -7.29 -18.02
CA ILE A 209 -2.27 -6.15 -17.30
C ILE A 209 -0.74 -6.16 -17.36
N VAL A 210 -0.14 -7.32 -17.14
CA VAL A 210 1.33 -7.42 -17.19
C VAL A 210 1.84 -7.05 -18.57
N HIS A 211 1.11 -7.42 -19.63
CA HIS A 211 1.51 -7.04 -20.98
C HIS A 211 1.53 -5.52 -21.12
N VAL A 212 0.49 -4.84 -20.63
CA VAL A 212 0.45 -3.39 -20.69
C VAL A 212 1.58 -2.79 -19.84
N LEU A 213 1.83 -3.36 -18.67
CA LEU A 213 2.89 -2.87 -17.82
C LEU A 213 4.25 -3.01 -18.50
N ARG A 214 4.52 -4.16 -19.11
CA ARG A 214 5.79 -4.36 -19.78
C ARG A 214 6.00 -3.32 -20.88
N LEU A 215 4.99 -3.12 -21.72
CA LEU A 215 5.10 -2.13 -22.78
C LEU A 215 5.24 -0.72 -22.22
N HIS A 216 4.47 -0.40 -21.19
CA HIS A 216 4.54 0.93 -20.59
C HIS A 216 5.92 1.23 -20.04
N LEU A 217 6.50 0.27 -19.31
CA LEU A 217 7.84 0.48 -18.75
C LEU A 217 8.87 0.67 -19.84
N GLN A 218 8.76 -0.08 -20.94
CA GLN A 218 9.69 0.07 -22.06
C GLN A 218 9.63 1.48 -22.65
N SER A 219 8.42 2.03 -22.77
CA SER A 219 8.24 3.36 -23.32
C SER A 219 8.61 4.45 -22.31
N ASN A 220 8.19 4.28 -21.06
CA ASN A 220 8.35 5.32 -20.05
C ASN A 220 9.72 5.32 -19.40
N HIS A 221 10.47 4.21 -19.49
CA HIS A 221 11.77 4.09 -18.84
C HIS A 221 12.77 3.47 -19.80
N PRO A 222 13.09 4.17 -20.90
CA PRO A 222 14.03 3.60 -21.88
C PRO A 222 15.45 3.43 -21.35
N ASP A 223 15.80 4.09 -20.25
CA ASP A 223 17.13 4.03 -19.68
C ASP A 223 17.38 2.77 -18.84
N ASP A 224 16.35 1.99 -18.52
CA ASP A 224 16.47 0.86 -17.59
C ASP A 224 15.82 -0.35 -18.25
N ILE A 225 16.63 -1.15 -18.96
CA ILE A 225 16.08 -2.26 -19.74
C ILE A 225 15.66 -3.45 -18.89
N PHE A 226 16.07 -3.50 -17.62
N PHE A 226 16.07 -3.50 -17.62
CA PHE A 226 15.66 -4.54 -16.69
CA PHE A 226 15.63 -4.56 -16.71
C PHE A 226 14.54 -4.11 -15.75
C PHE A 226 14.57 -4.09 -15.74
N LEU A 227 13.93 -2.94 -16.00
CA LEU A 227 12.93 -2.43 -15.06
C LEU A 227 11.77 -3.39 -14.89
N PHE A 228 11.32 -4.01 -15.98
CA PHE A 228 10.21 -4.97 -15.85
C PHE A 228 10.57 -6.16 -14.98
N PRO A 229 11.65 -6.90 -15.23
CA PRO A 229 12.02 -7.97 -14.29
C PRO A 229 12.27 -7.48 -12.88
N LYS A 230 12.82 -6.27 -12.71
CA LYS A 230 13.01 -5.71 -11.37
C LYS A 230 11.67 -5.61 -10.63
N LEU A 231 10.61 -5.18 -11.32
CA LEU A 231 9.32 -5.03 -10.67
C LEU A 231 8.67 -6.39 -10.40
N LEU A 232 8.86 -7.35 -11.31
CA LEU A 232 8.41 -8.71 -11.02
C LEU A 232 8.99 -9.20 -9.70
N GLN A 233 10.28 -8.92 -9.47
CA GLN A 233 10.90 -9.30 -8.20
C GLN A 233 10.33 -8.52 -7.03
N LYS A 234 10.06 -7.23 -7.23
CA LYS A 234 9.44 -6.44 -6.17
C LYS A 234 8.08 -7.00 -5.78
N MET A 235 7.35 -7.59 -6.73
CA MET A 235 6.08 -8.23 -6.39
C MET A 235 6.30 -9.43 -5.48
N ALA A 236 7.32 -10.24 -5.76
CA ALA A 236 7.65 -11.34 -4.87
C ALA A 236 8.12 -10.83 -3.52
N ASP A 237 8.96 -9.79 -3.51
CA ASP A 237 9.41 -9.20 -2.25
C ASP A 237 8.23 -8.77 -1.40
N LEU A 238 7.25 -8.11 -2.02
CA LEU A 238 6.09 -7.62 -1.27
C LEU A 238 5.31 -8.77 -0.63
N ARG A 239 5.13 -9.86 -1.37
CA ARG A 239 4.45 -11.03 -0.82
C ARG A 239 5.13 -11.49 0.46
N GLN A 240 6.47 -11.53 0.47
N GLN A 240 6.46 -11.54 0.46
CA GLN A 240 7.17 -11.93 1.69
CA GLN A 240 7.19 -11.92 1.67
C GLN A 240 7.09 -10.85 2.75
C GLN A 240 7.06 -10.85 2.74
N LEU A 241 7.12 -9.58 2.35
CA LEU A 241 6.93 -8.49 3.31
C LEU A 241 5.58 -8.60 3.99
N VAL A 242 4.54 -8.95 3.22
CA VAL A 242 3.19 -9.06 3.78
C VAL A 242 3.09 -10.26 4.70
N THR A 243 3.63 -11.41 4.29
CA THR A 243 3.65 -12.58 5.15
C THR A 243 4.27 -12.25 6.51
N GLU A 244 5.45 -11.65 6.49
CA GLU A 244 6.10 -11.29 7.75
C GLU A 244 5.32 -10.23 8.52
N HIS A 245 4.66 -9.31 7.81
CA HIS A 245 3.85 -8.32 8.51
C HIS A 245 2.68 -8.97 9.25
N ALA A 246 1.98 -9.91 8.59
CA ALA A 246 0.88 -10.61 9.24
C ALA A 246 1.36 -11.37 10.47
N GLN A 247 2.58 -11.93 10.41
CA GLN A 247 3.11 -12.65 11.56
C GLN A 247 3.31 -11.71 12.75
N LEU A 248 3.85 -10.51 12.51
CA LEU A 248 4.00 -9.54 13.58
C LEU A 248 2.65 -9.06 14.09
N VAL A 249 1.70 -8.82 13.18
CA VAL A 249 0.35 -8.41 13.58
C VAL A 249 -0.27 -9.49 14.47
N GLN A 250 -0.06 -10.76 14.12
CA GLN A 250 -0.60 -11.84 14.95
C GLN A 250 0.01 -11.83 16.34
N ILE A 251 1.32 -11.59 16.43
CA ILE A 251 1.97 -11.51 17.74
C ILE A 251 1.37 -10.39 18.58
N ILE A 252 1.18 -9.22 17.96
CA ILE A 252 0.58 -8.10 18.70
C ILE A 252 -0.82 -8.45 19.15
N LYS A 253 -1.62 -9.07 18.28
CA LYS A 253 -2.97 -9.47 18.66
C LYS A 253 -2.96 -10.37 19.88
N LYS A 254 -2.02 -11.31 19.94
CA LYS A 254 -2.02 -12.31 21.01
C LYS A 254 -1.43 -11.78 22.31
N THR A 255 -0.40 -10.94 22.23
CA THR A 255 0.35 -10.54 23.40
C THR A 255 0.04 -9.14 23.90
N GLU A 256 -0.67 -8.32 23.13
CA GLU A 256 -1.01 -6.95 23.52
C GLU A 256 -2.51 -6.90 23.79
N SER A 257 -2.88 -7.06 25.07
CA SER A 257 -4.29 -7.09 25.45
C SER A 257 -5.03 -5.83 25.02
N ASP A 258 -4.35 -4.68 24.99
CA ASP A 258 -4.98 -3.42 24.64
C ASP A 258 -5.04 -3.14 23.16
N ALA A 259 -4.38 -3.94 22.32
CA ALA A 259 -4.30 -3.70 20.89
C ALA A 259 -5.31 -4.61 20.20
N ALA A 260 -6.46 -4.05 19.84
CA ALA A 260 -7.51 -4.78 19.14
C ALA A 260 -7.38 -4.57 17.64
N LEU A 261 -7.83 -5.57 16.87
CA LEU A 261 -7.80 -5.52 15.42
C LEU A 261 -9.18 -5.15 14.88
N HIS A 262 -9.22 -4.15 14.03
CA HIS A 262 -10.46 -3.81 13.33
C HIS A 262 -11.02 -5.06 12.66
N PRO A 263 -12.33 -5.30 12.76
CA PRO A 263 -12.87 -6.57 12.21
C PRO A 263 -12.67 -6.73 10.71
N LEU A 264 -12.74 -5.64 9.94
CA LEU A 264 -12.50 -5.77 8.51
C LEU A 264 -11.09 -6.26 8.22
N LEU A 265 -10.12 -5.88 9.07
CA LEU A 265 -8.75 -6.32 8.88
C LEU A 265 -8.52 -7.72 9.41
N GLN A 266 -9.26 -8.12 10.45
CA GLN A 266 -9.22 -9.51 10.89
C GLN A 266 -9.60 -10.44 9.74
N GLU A 267 -10.71 -10.14 9.06
CA GLU A 267 -11.15 -11.00 7.97
C GLU A 267 -10.08 -11.09 6.87
N ILE A 268 -9.41 -9.97 6.58
CA ILE A 268 -8.37 -9.98 5.56
C ILE A 268 -7.23 -10.92 5.97
N TYR A 269 -6.84 -10.87 7.24
CA TYR A 269 -5.78 -11.75 7.72
C TYR A 269 -6.25 -13.18 7.92
N ARG A 270 -7.55 -13.40 8.14
CA ARG A 270 -8.07 -14.74 8.39
C ARG A 270 -7.71 -15.67 7.25
N ASP A 271 -6.97 -16.74 7.56
CA ASP A 271 -6.59 -17.75 6.57
C ASP A 271 -5.75 -17.15 5.45
N MET A 272 -4.88 -16.20 5.80
CA MET A 272 -3.97 -15.64 4.80
C MET A 272 -2.62 -16.35 4.86
N TYR A 273 -1.87 -16.14 5.94
CA TYR A 273 -0.58 -16.81 6.12
C TYR A 273 -0.44 -17.32 7.56
C1 GOL B . 10.12 9.25 -3.60
O1 GOL B . 11.05 10.07 -4.26
C2 GOL B . 9.01 10.14 -3.01
O2 GOL B . 7.76 9.73 -3.50
C3 GOL B . 9.03 10.02 -1.48
O3 GOL B . 10.34 10.21 -1.02
H11 GOL B . 9.73 8.63 -4.23
H12 GOL B . 10.57 8.77 -2.88
HO1 GOL B . 11.20 10.76 -3.79
H2 GOL B . 9.17 11.05 -3.26
HO2 GOL B . 7.39 10.39 -3.89
H31 GOL B . 8.72 9.13 -1.23
H32 GOL B . 8.44 10.69 -1.11
HO3 GOL B . 10.66 9.46 -0.78
O5 KKB C . -1.85 -4.35 9.42
C18 KKB C . -2.24 -3.16 9.55
O4 KKB C . -3.32 -2.78 9.02
C17 KKB C . -1.39 -2.16 10.34
O3 KKB C . -0.11 -2.11 9.76
C16 KKB C . 0.15 -0.89 9.15
C15 KKB C . -0.60 -0.47 8.07
C14 KKB C . -0.33 0.76 7.47
C19 KKB C . 1.16 -0.08 9.64
C20 KKB C . 2.00 -0.54 10.83
C21 KKB C . 1.43 1.14 9.04
C13 KKB C . 0.69 1.56 7.96
S1 KKB C . 1.05 3.17 7.21
C12 KKB C . 0.11 4.46 8.09
C3 KKB C . 0.96 5.12 9.18
O1 KKB C . 1.49 4.15 10.05
C2 KKB C . 2.86 4.23 10.34
C1 KKB C . 3.07 4.95 11.68
C4 KKB C . 0.08 6.12 9.93
O2 KKB C . 0.37 6.11 11.30
C5 KKB C . -0.04 7.26 12.00
C11 KKB C . 0.64 7.65 13.14
C10 KKB C . 0.25 8.79 13.83
C8 KKB C . -0.82 9.54 13.39
C9 KKB C . -1.27 10.80 14.13
F3 KKB C . -1.09 11.86 13.32
F2 KKB C . -0.48 10.95 15.24
F1 KKB C . -2.58 10.71 14.49
C7 KKB C . -1.51 9.15 12.25
C6 KKB C . -1.12 8.02 11.56
H2 KKB C . -1.79 -1.29 10.33
H3 KKB C . -1.31 -2.48 11.27
H4 KKB C . -1.29 -1.00 7.74
H5 KKB C . -0.84 1.04 6.74
H6 KKB C . 2.91 -0.68 10.55
H7 KKB C . 1.64 -1.36 11.18
H8 KKB C . 1.97 0.15 11.51
H9 KKB C . 2.12 1.67 9.38
H10 KKB C . -0.18 5.13 7.46
H11 KKB C . -0.67 4.04 8.51
H12 KKB C . 1.70 5.59 8.75
H13 KKB C . 3.24 3.34 10.40
H14 KKB C . 3.31 4.72 9.64
H15 KKB C . 4.01 4.94 11.91
H16 KKB C . 2.57 4.48 12.38
H17 KKB C . 2.74 5.86 11.62
H18 KKB C . -0.85 5.87 9.80
H19 KKB C . 0.24 7.00 9.58
H20 KKB C . 1.36 7.15 13.45
H21 KKB C . 0.71 9.05 14.60
H22 KKB C . -2.23 9.66 11.94
H23 KKB C . -1.58 7.76 10.79
#